data_1SW2
#
_entry.id   1SW2
#
_cell.length_a   75.900
_cell.length_b   75.900
_cell.length_c   88.400
_cell.angle_alpha   90.00
_cell.angle_beta   90.00
_cell.angle_gamma   90.00
#
_symmetry.space_group_name_H-M   'P 43 21 2'
#
loop_
_entity.id
_entity.type
_entity.pdbx_description
1 polymer 'osmoprotection protein (proX)'
2 non-polymer 'TRIMETHYL GLYCINE'
3 water water
#
_entity_poly.entity_id   1
_entity_poly.type   'polypeptide(L)'
_entity_poly.pdbx_seq_one_letter_code
;CSQSSERVVIGSKPFNEQYILANMIAILLEENGYKAEVKEGLGGTLVNYEALKRNDIQLYVEYTGTAYNVILRKQPPELW
DQQYIFDEVKKGLLEADGVVVAAKLGFRDDYALAVRADWAEENGVEKISDLAEFADQLVFGSDPEFASRPDGLPQIKKVY
GFEFKEVKQMEPTLMYEAIKNKQVDVIPAYTTDSRVDLFNLKILEDDKGALPPYDAIIIVNGNTAKDEKLISVLKLLEDR
IDTDTMRALNYQYDVEKKDAREIAMSFLKEQGLVK
;
_entity_poly.pdbx_strand_id   A
#
loop_
_chem_comp.id
_chem_comp.type
_chem_comp.name
_chem_comp.formula
BET non-polymer 'TRIMETHYL GLYCINE' 'C5 H12 N O2 1'
#
# COMPACT_ATOMS: atom_id res chain seq x y z
N GLU A 6 23.44 -11.94 10.43
CA GLU A 6 23.05 -11.34 11.74
C GLU A 6 21.58 -10.80 11.70
N ARG A 7 21.41 -9.48 11.60
CA ARG A 7 20.08 -8.88 11.70
C ARG A 7 19.36 -8.88 10.34
N VAL A 8 18.06 -9.17 10.36
CA VAL A 8 17.22 -9.06 9.19
C VAL A 8 16.55 -7.70 9.28
N VAL A 9 16.97 -6.80 8.42
CA VAL A 9 16.44 -5.45 8.44
C VAL A 9 15.24 -5.40 7.51
N ILE A 10 14.15 -4.81 8.01
CA ILE A 10 12.87 -4.78 7.31
C ILE A 10 12.54 -3.33 6.93
N GLY A 11 12.36 -3.08 5.64
CA GLY A 11 12.01 -1.76 5.16
C GLY A 11 10.55 -1.41 5.40
N SER A 12 10.20 -0.16 5.13
CA SER A 12 8.80 0.25 5.18
C SER A 12 8.54 1.60 4.50
N LYS A 13 7.40 1.70 3.83
CA LYS A 13 6.88 2.96 3.35
C LYS A 13 6.15 3.63 4.53
N PRO A 14 5.85 4.93 4.47
CA PRO A 14 5.43 5.66 5.68
C PRO A 14 3.94 5.71 5.87
N PHE A 15 3.37 4.59 6.29
CA PHE A 15 1.97 4.55 6.65
C PHE A 15 1.62 3.32 7.43
N ASN A 16 0.43 3.39 8.02
CA ASN A 16 -0.06 2.47 9.03
C ASN A 16 0.36 1.03 8.88
N GLU A 17 -0.16 0.33 7.87
CA GLU A 17 0.07 -1.10 7.73
C GLU A 17 1.51 -1.48 7.51
N GLN A 18 2.29 -0.59 6.95
CA GLN A 18 3.71 -0.81 6.78
C GLN A 18 4.43 -0.88 8.11
N TYR A 19 4.14 0.06 9.01
CA TYR A 19 4.75 -0.01 10.35
C TYR A 19 4.27 -1.26 11.07
N ILE A 20 2.98 -1.58 10.94
CA ILE A 20 2.43 -2.73 11.64
C ILE A 20 2.98 -4.05 11.10
N LEU A 21 2.99 -4.19 9.78
CA LEU A 21 3.42 -5.44 9.16
C LEU A 21 4.91 -5.65 9.33
N ALA A 22 5.69 -4.59 9.22
CA ALA A 22 7.14 -4.73 9.39
C ALA A 22 7.47 -5.17 10.80
N ASN A 23 6.77 -4.60 11.77
CA ASN A 23 6.95 -4.97 13.17
C ASN A 23 6.45 -6.36 13.45
N MET A 24 5.35 -6.73 12.82
CA MET A 24 4.78 -8.08 12.92
C MET A 24 5.77 -9.13 12.38
N ILE A 25 6.47 -8.82 11.29
CA ILE A 25 7.45 -9.72 10.72
C ILE A 25 8.67 -9.78 11.64
N ALA A 26 9.04 -8.64 12.22
CA ALA A 26 10.19 -8.60 13.13
C ALA A 26 9.95 -9.45 14.39
N ILE A 27 8.75 -9.42 14.93
CA ILE A 27 8.47 -10.19 16.14
C ILE A 27 8.48 -11.68 15.80
N LEU A 28 7.87 -12.05 14.68
CA LEU A 28 7.83 -13.45 14.24
C LEU A 28 9.23 -14.00 14.02
N LEU A 29 10.06 -13.21 13.36
CA LEU A 29 11.40 -13.63 13.06
C LEU A 29 12.14 -13.82 14.39
N GLU A 30 11.92 -12.88 15.30
CA GLU A 30 12.57 -12.93 16.61
C GLU A 30 12.06 -14.10 17.47
N GLU A 31 10.80 -14.47 17.34
CA GLU A 31 10.30 -15.68 18.00
C GLU A 31 10.92 -16.94 17.44
N ASN A 32 11.42 -16.88 16.20
CA ASN A 32 12.02 -18.03 15.57
C ASN A 32 13.53 -17.97 15.53
N GLY A 33 14.11 -17.04 16.29
CA GLY A 33 15.55 -17.00 16.53
C GLY A 33 16.38 -16.07 15.67
N TYR A 34 15.75 -15.14 14.96
CA TYR A 34 16.51 -14.15 14.18
C TYR A 34 16.56 -12.88 14.99
N LYS A 35 17.63 -12.11 14.84
CA LYS A 35 17.59 -10.71 15.26
C LYS A 35 16.94 -9.96 14.08
N ALA A 36 15.99 -9.08 14.38
CA ALA A 36 15.35 -8.27 13.36
C ALA A 36 15.37 -6.82 13.76
N GLU A 37 15.33 -5.94 12.77
CA GLU A 37 15.27 -4.50 12.94
C GLU A 37 14.28 -3.97 11.92
N VAL A 38 13.44 -3.02 12.34
CA VAL A 38 12.51 -2.35 11.45
C VAL A 38 13.04 -0.95 11.18
N LYS A 39 13.18 -0.57 9.92
CA LYS A 39 13.43 0.82 9.52
C LYS A 39 12.10 1.42 9.11
N GLU A 40 11.35 1.93 10.08
CA GLU A 40 10.03 2.56 9.86
C GLU A 40 10.19 3.74 8.92
N GLY A 41 9.39 3.78 7.85
CA GLY A 41 9.33 4.93 6.98
C GLY A 41 10.68 5.24 6.39
N LEU A 42 11.34 4.20 5.88
CA LEU A 42 12.65 4.34 5.23
C LEU A 42 12.55 5.34 4.07
N GLY A 43 11.49 5.24 3.28
CA GLY A 43 11.19 6.18 2.21
C GLY A 43 10.04 5.63 1.36
N GLY A 44 9.88 6.07 0.13
CA GLY A 44 8.79 5.58 -0.74
C GLY A 44 9.11 4.26 -1.43
N THR A 45 8.31 3.84 -2.41
CA THR A 45 8.49 2.51 -2.98
C THR A 45 9.89 2.29 -3.52
N LEU A 46 10.38 3.19 -4.34
CA LEU A 46 11.66 2.95 -5.01
C LEU A 46 12.87 3.13 -4.08
N VAL A 47 12.76 3.96 -3.05
CA VAL A 47 13.86 4.06 -2.05
C VAL A 47 13.98 2.73 -1.36
N ASN A 48 12.83 2.15 -0.97
CA ASN A 48 12.83 0.83 -0.33
C ASN A 48 13.30 -0.29 -1.26
N TYR A 49 12.90 -0.23 -2.51
CA TYR A 49 13.27 -1.28 -3.44
C TYR A 49 14.79 -1.25 -3.72
N GLU A 50 15.37 -0.07 -3.84
CA GLU A 50 16.80 0.07 -4.06
C GLU A 50 17.59 -0.32 -2.82
N ALA A 51 17.04 -0.01 -1.65
CA ALA A 51 17.61 -0.51 -0.39
C ALA A 51 17.64 -2.03 -0.38
N LEU A 52 16.55 -2.61 -0.87
CA LEU A 52 16.40 -4.04 -0.91
C LEU A 52 17.46 -4.70 -1.83
N LYS A 53 17.55 -4.17 -3.04
CA LYS A 53 18.57 -4.57 -4.02
C LYS A 53 19.98 -4.51 -3.49
N ARG A 54 20.26 -3.42 -2.77
CA ARG A 54 21.57 -3.15 -2.16
C ARG A 54 21.87 -4.06 -0.96
N ASN A 55 20.85 -4.74 -0.48
CA ASN A 55 20.90 -5.52 0.76
C ASN A 55 21.06 -4.67 2.03
N ASP A 56 20.77 -3.37 1.95
CA ASP A 56 20.60 -2.54 3.16
C ASP A 56 19.40 -3.01 3.97
N ILE A 57 18.38 -3.50 3.27
CA ILE A 57 17.28 -4.21 3.90
C ILE A 57 17.17 -5.51 3.18
N GLN A 58 16.57 -6.48 3.86
CA GLN A 58 16.47 -7.79 3.32
C GLN A 58 15.05 -8.11 2.85
N LEU A 59 14.06 -7.37 3.33
CA LEU A 59 12.67 -7.52 2.89
C LEU A 59 11.81 -6.33 3.27
N TYR A 60 10.69 -6.15 2.57
CA TYR A 60 9.64 -5.23 3.01
C TYR A 60 8.34 -5.65 2.35
N VAL A 61 7.26 -4.94 2.67
CA VAL A 61 5.93 -5.26 2.16
C VAL A 61 5.62 -4.32 0.96
N GLU A 62 5.44 -4.93 -0.19
CA GLU A 62 5.12 -4.23 -1.43
C GLU A 62 3.75 -4.65 -1.92
N TYR A 63 3.26 -4.05 -2.99
CA TYR A 63 1.93 -4.33 -3.52
C TYR A 63 2.07 -4.67 -4.98
N THR A 64 1.29 -5.64 -5.44
CA THR A 64 1.47 -6.13 -6.82
C THR A 64 1.37 -5.02 -7.86
N GLY A 65 0.35 -4.17 -7.79
CA GLY A 65 0.20 -3.11 -8.78
C GLY A 65 1.36 -2.14 -8.76
N THR A 66 1.82 -1.82 -7.56
CA THR A 66 3.00 -0.96 -7.45
C THR A 66 4.22 -1.62 -8.10
N ALA A 67 4.50 -2.86 -7.74
CA ALA A 67 5.60 -3.60 -8.36
C ALA A 67 5.41 -3.58 -9.87
N TYR A 68 4.18 -3.77 -10.34
CA TYR A 68 3.98 -3.94 -11.75
C TYR A 68 4.29 -2.64 -12.47
N ASN A 69 3.80 -1.54 -11.93
CA ASN A 69 3.87 -0.23 -12.59
C ASN A 69 5.08 0.62 -12.19
N VAL A 70 5.42 0.66 -10.91
CA VAL A 70 6.50 1.54 -10.46
C VAL A 70 7.83 0.80 -10.61
N ILE A 71 7.94 -0.40 -10.08
CA ILE A 71 9.24 -1.05 -9.99
C ILE A 71 9.63 -1.65 -11.35
N LEU A 72 8.74 -2.45 -11.93
CA LEU A 72 9.02 -3.18 -13.18
C LEU A 72 8.72 -2.38 -14.42
N ARG A 73 7.93 -1.32 -14.28
CA ARG A 73 7.48 -0.49 -15.39
C ARG A 73 6.94 -1.30 -16.56
N LYS A 74 6.02 -2.19 -16.25
CA LYS A 74 5.39 -2.99 -17.29
C LYS A 74 4.24 -2.17 -17.84
N GLN A 75 3.89 -2.47 -19.09
CA GLN A 75 2.79 -1.76 -19.73
C GLN A 75 1.47 -2.34 -19.26
N PRO A 76 0.56 -1.46 -18.82
CA PRO A 76 -0.79 -1.89 -18.40
C PRO A 76 -1.47 -2.82 -19.44
N PRO A 77 -2.09 -3.91 -19.00
CA PRO A 77 -2.78 -4.81 -19.93
C PRO A 77 -4.16 -4.24 -20.34
N GLU A 78 -4.98 -5.00 -21.07
CA GLU A 78 -6.32 -4.56 -21.49
C GLU A 78 -7.13 -4.24 -20.25
N LEU A 79 -7.23 -5.27 -19.43
CA LEU A 79 -7.97 -5.23 -18.19
C LEU A 79 -7.05 -5.76 -17.10
N TRP A 80 -7.14 -5.13 -15.95
CA TRP A 80 -6.36 -5.53 -14.81
C TRP A 80 -6.95 -6.82 -14.32
N ASP A 81 -6.08 -7.78 -14.05
CA ASP A 81 -6.50 -9.06 -13.53
C ASP A 81 -5.56 -9.42 -12.41
N GLN A 82 -6.11 -9.63 -11.22
CA GLN A 82 -5.38 -10.00 -10.02
C GLN A 82 -4.26 -10.98 -10.30
N GLN A 83 -4.65 -12.14 -10.83
CA GLN A 83 -3.74 -13.27 -10.98
C GLN A 83 -2.68 -12.94 -12.00
N TYR A 84 -3.08 -12.33 -13.12
CA TYR A 84 -2.09 -11.93 -14.13
C TYR A 84 -1.01 -10.99 -13.56
N ILE A 85 -1.42 -9.99 -12.79
CA ILE A 85 -0.46 -9.03 -12.24
C ILE A 85 0.44 -9.71 -11.23
N PHE A 86 -0.11 -10.57 -10.37
CA PHE A 86 0.69 -11.31 -9.41
C PHE A 86 1.78 -12.11 -10.10
N ASP A 87 1.40 -12.81 -11.16
CA ASP A 87 2.31 -13.74 -11.84
C ASP A 87 3.35 -12.94 -12.56
N GLU A 88 2.94 -11.88 -13.23
CA GLU A 88 3.91 -11.04 -13.92
C GLU A 88 4.87 -10.37 -12.94
N VAL A 89 4.40 -9.98 -11.76
CA VAL A 89 5.25 -9.38 -10.73
C VAL A 89 6.23 -10.40 -10.17
N LYS A 90 5.74 -11.56 -9.78
CA LYS A 90 6.58 -12.59 -9.21
C LYS A 90 7.67 -13.03 -10.21
N LYS A 91 7.33 -13.07 -11.50
CA LYS A 91 8.29 -13.53 -12.49
C LYS A 91 9.24 -12.37 -12.77
N GLY A 92 8.69 -11.16 -12.87
CA GLY A 92 9.47 -10.01 -13.28
C GLY A 92 10.47 -9.58 -12.23
N LEU A 93 10.08 -9.64 -10.96
CA LEU A 93 10.99 -9.31 -9.86
C LEU A 93 12.14 -10.30 -9.80
N LEU A 94 11.80 -11.57 -9.94
CA LEU A 94 12.80 -12.60 -9.89
C LEU A 94 13.79 -12.41 -11.07
N GLU A 95 13.25 -12.33 -12.29
CA GLU A 95 14.08 -12.32 -13.49
C GLU A 95 14.92 -11.06 -13.61
N ALA A 96 14.35 -9.95 -13.16
CA ALA A 96 15.03 -8.64 -13.22
C ALA A 96 16.06 -8.37 -12.12
N ASP A 97 15.75 -8.77 -10.88
CA ASP A 97 16.60 -8.42 -9.72
C ASP A 97 16.89 -9.54 -8.74
N GLY A 98 16.47 -10.76 -9.04
CA GLY A 98 16.55 -11.88 -8.09
C GLY A 98 15.64 -11.78 -6.87
N VAL A 99 14.66 -10.86 -6.92
CA VAL A 99 13.75 -10.61 -5.80
C VAL A 99 12.62 -11.64 -5.77
N VAL A 100 12.31 -12.12 -4.58
CA VAL A 100 11.43 -13.24 -4.37
C VAL A 100 10.21 -12.75 -3.61
N VAL A 101 9.03 -13.04 -4.15
CA VAL A 101 7.80 -12.92 -3.39
C VAL A 101 7.75 -14.07 -2.39
N ALA A 102 7.94 -13.78 -1.10
CA ALA A 102 7.95 -14.82 -0.07
C ALA A 102 6.54 -15.23 0.32
N ALA A 103 5.62 -14.26 0.30
CA ALA A 103 4.26 -14.39 0.82
C ALA A 103 3.27 -13.37 0.25
N LYS A 104 2.05 -13.83 0.03
CA LYS A 104 0.90 -12.98 -0.22
C LYS A 104 0.23 -12.82 1.14
N LEU A 105 0.13 -11.61 1.68
CA LEU A 105 -0.39 -11.45 3.05
C LEU A 105 -1.89 -11.75 3.17
N GLY A 106 -2.62 -11.56 2.07
CA GLY A 106 -4.04 -11.87 2.05
C GLY A 106 -4.94 -10.67 1.89
N PHE A 107 -4.38 -9.45 1.92
CA PHE A 107 -5.18 -8.27 1.69
C PHE A 107 -4.73 -7.46 0.45
N ARG A 108 -5.64 -6.59 0.04
CA ARG A 108 -5.46 -5.62 -0.99
C ARG A 108 -5.54 -4.24 -0.36
N ASP A 109 -4.61 -3.37 -0.71
CA ASP A 109 -4.67 -1.97 -0.27
C ASP A 109 -4.53 -1.06 -1.48
N ASP A 110 -5.68 -0.80 -2.09
CA ASP A 110 -5.75 -0.09 -3.34
C ASP A 110 -5.64 1.39 -3.14
N TYR A 111 -5.15 2.06 -4.15
CA TYR A 111 -5.45 3.45 -4.33
C TYR A 111 -6.91 3.55 -4.83
N ALA A 112 -7.65 4.52 -4.30
CA ALA A 112 -9.00 4.81 -4.78
C ALA A 112 -9.30 6.29 -4.56
N LEU A 113 -9.74 6.97 -5.60
CA LEU A 113 -10.11 8.38 -5.46
C LEU A 113 -11.29 8.56 -4.51
N ALA A 114 -11.08 9.33 -3.47
CA ALA A 114 -12.12 9.63 -2.51
C ALA A 114 -12.38 11.12 -2.55
N VAL A 115 -13.67 11.46 -2.53
CA VAL A 115 -14.16 12.82 -2.29
C VAL A 115 -15.03 12.88 -1.02
N ARG A 116 -15.18 14.07 -0.43
CA ARG A 116 -16.13 14.27 0.68
C ARG A 116 -17.51 13.77 0.23
N ALA A 117 -18.15 12.96 1.08
CA ALA A 117 -19.38 12.26 0.68
C ALA A 117 -20.55 13.21 0.48
N ASP A 118 -20.64 14.23 1.32
CA ASP A 118 -21.69 15.25 1.16
C ASP A 118 -21.47 16.02 -0.15
N TRP A 119 -20.20 16.28 -0.51
CA TRP A 119 -19.90 17.02 -1.73
C TRP A 119 -20.35 16.26 -2.97
N ALA A 120 -20.20 14.94 -2.94
CA ALA A 120 -20.55 14.10 -4.09
C ALA A 120 -22.04 13.73 -4.08
N GLU A 121 -22.66 13.82 -2.89
CA GLU A 121 -24.11 13.71 -2.74
C GLU A 121 -24.71 14.89 -3.51
N GLU A 122 -24.42 16.09 -3.01
CA GLU A 122 -24.83 17.38 -3.60
C GLU A 122 -24.60 17.56 -5.11
N ASN A 123 -23.54 16.93 -5.66
CA ASN A 123 -23.19 17.17 -7.08
C ASN A 123 -23.43 15.98 -8.03
N GLY A 124 -23.92 14.86 -7.51
CA GLY A 124 -24.22 13.70 -8.36
C GLY A 124 -22.97 13.02 -8.93
N VAL A 125 -22.04 12.66 -8.04
CA VAL A 125 -20.74 12.12 -8.44
C VAL A 125 -20.48 10.79 -7.72
N GLU A 126 -20.30 9.72 -8.49
CA GLU A 126 -19.93 8.44 -7.93
C GLU A 126 -18.94 7.58 -8.77
N LYS A 127 -18.57 8.03 -9.98
CA LYS A 127 -17.49 7.42 -10.75
C LYS A 127 -16.38 8.47 -10.95
N ILE A 128 -15.21 8.05 -11.44
CA ILE A 128 -14.09 8.98 -11.62
C ILE A 128 -14.30 9.79 -12.90
N SER A 129 -14.92 9.18 -13.90
CA SER A 129 -15.21 9.92 -15.13
C SER A 129 -16.21 11.06 -14.88
N ASP A 130 -16.96 11.02 -13.77
CA ASP A 130 -17.83 12.12 -13.35
C ASP A 130 -17.07 13.34 -12.91
N LEU A 131 -15.88 13.14 -12.33
CA LEU A 131 -15.04 14.26 -11.86
C LEU A 131 -14.53 15.16 -13.00
N ALA A 132 -14.71 14.73 -14.24
CA ALA A 132 -14.18 15.42 -15.40
C ALA A 132 -14.68 16.87 -15.50
N GLU A 133 -15.98 17.06 -15.27
CA GLU A 133 -16.60 18.39 -15.32
C GLU A 133 -16.06 19.31 -14.22
N PHE A 134 -15.72 18.74 -13.06
CA PHE A 134 -15.30 19.55 -11.89
C PHE A 134 -13.80 19.58 -11.61
N ALA A 135 -12.99 18.94 -12.45
CA ALA A 135 -11.57 18.72 -12.12
C ALA A 135 -10.76 20.02 -12.00
N ASP A 136 -10.96 20.93 -12.95
CA ASP A 136 -10.36 22.26 -12.93
C ASP A 136 -10.71 23.15 -11.71
N GLN A 137 -11.67 22.73 -10.90
CA GLN A 137 -12.04 23.42 -9.66
C GLN A 137 -11.54 22.69 -8.41
N LEU A 138 -11.02 21.47 -8.60
CA LEU A 138 -10.71 20.59 -7.47
C LEU A 138 -9.25 20.53 -7.09
N VAL A 139 -8.97 20.61 -5.80
CA VAL A 139 -7.62 20.52 -5.26
C VAL A 139 -7.32 19.05 -4.87
N PHE A 140 -6.33 18.44 -5.51
CA PHE A 140 -5.96 17.04 -5.22
C PHE A 140 -4.90 17.02 -4.11
N GLY A 141 -5.18 16.33 -3.01
CA GLY A 141 -4.21 16.10 -1.95
C GLY A 141 -3.60 14.71 -2.08
N SER A 142 -2.47 14.63 -2.77
CA SER A 142 -1.73 13.38 -2.93
C SER A 142 -0.93 12.98 -1.70
N ASP A 143 -0.69 11.67 -1.57
CA ASP A 143 0.37 11.13 -0.75
C ASP A 143 1.67 11.46 -1.47
N PRO A 144 2.83 11.03 -0.95
CA PRO A 144 4.11 11.40 -1.56
C PRO A 144 4.41 10.85 -2.96
N GLU A 145 3.54 10.02 -3.54
CA GLU A 145 3.87 9.24 -4.74
C GLU A 145 2.85 9.35 -5.87
N PHE A 146 1.58 9.46 -5.52
CA PHE A 146 0.48 9.23 -6.46
C PHE A 146 0.50 10.25 -7.58
N ALA A 147 0.99 11.46 -7.27
CA ALA A 147 0.97 12.59 -8.18
C ALA A 147 1.81 12.38 -9.41
N SER A 148 2.94 11.69 -9.22
CA SER A 148 3.94 11.60 -10.26
C SER A 148 4.18 10.17 -10.79
N ARG A 149 3.73 9.16 -10.07
CA ARG A 149 4.05 7.80 -10.52
C ARG A 149 3.14 7.35 -11.69
N PRO A 150 3.63 6.41 -12.49
CA PRO A 150 2.94 6.06 -13.75
C PRO A 150 1.47 5.63 -13.59
N ASP A 151 1.12 4.98 -12.49
CA ASP A 151 -0.25 4.53 -12.19
C ASP A 151 -1.04 5.52 -11.33
N GLY A 152 -0.59 6.76 -11.29
CA GLY A 152 -1.25 7.72 -10.44
C GLY A 152 -1.94 8.75 -11.30
N LEU A 153 -1.68 10.01 -10.98
CA LEU A 153 -2.25 11.11 -11.76
C LEU A 153 -1.94 11.02 -13.27
N PRO A 154 -0.73 10.61 -13.64
CA PRO A 154 -0.47 10.33 -15.06
C PRO A 154 -1.45 9.33 -15.70
N GLN A 155 -1.77 8.25 -15.01
CA GLN A 155 -2.77 7.29 -15.48
C GLN A 155 -4.21 7.83 -15.50
N ILE A 156 -4.58 8.67 -14.53
CA ILE A 156 -5.86 9.34 -14.55
C ILE A 156 -5.97 10.24 -15.77
N LYS A 157 -4.87 10.88 -16.15
CA LYS A 157 -4.86 11.73 -17.33
C LYS A 157 -4.95 10.87 -18.61
N LYS A 158 -4.20 9.78 -18.67
CA LYS A 158 -4.23 8.89 -19.82
C LYS A 158 -5.63 8.35 -20.09
N VAL A 159 -6.24 7.81 -19.05
CA VAL A 159 -7.47 7.05 -19.20
C VAL A 159 -8.68 8.00 -19.17
N TYR A 160 -8.73 8.86 -18.15
CA TYR A 160 -9.87 9.76 -17.96
C TYR A 160 -9.75 11.11 -18.67
N GLY A 161 -8.54 11.52 -19.06
CA GLY A 161 -8.37 12.69 -19.90
C GLY A 161 -8.29 14.04 -19.19
N PHE A 162 -8.42 14.05 -17.88
CA PHE A 162 -8.35 15.30 -17.14
C PHE A 162 -7.22 15.31 -16.11
N GLU A 163 -6.91 16.52 -15.65
CA GLU A 163 -5.99 16.77 -14.56
C GLU A 163 -6.66 17.75 -13.62
N PHE A 164 -6.11 17.91 -12.42
CA PHE A 164 -6.73 18.74 -11.39
C PHE A 164 -6.20 20.17 -11.39
N LYS A 165 -6.97 21.08 -10.81
CA LYS A 165 -6.60 22.50 -10.70
C LYS A 165 -5.20 22.59 -10.14
N GLU A 166 -5.02 21.91 -9.02
CA GLU A 166 -3.83 22.01 -8.23
C GLU A 166 -3.54 20.68 -7.55
N VAL A 167 -2.27 20.37 -7.36
CA VAL A 167 -1.89 19.17 -6.64
C VAL A 167 -1.03 19.53 -5.44
N LYS A 168 -1.42 19.05 -4.26
CA LYS A 168 -0.61 19.16 -3.07
C LYS A 168 -0.11 17.78 -2.67
N GLN A 169 1.06 17.74 -2.06
CA GLN A 169 1.67 16.50 -1.63
C GLN A 169 1.93 16.53 -0.13
N MET A 170 1.71 15.40 0.53
CA MET A 170 1.81 15.29 1.98
C MET A 170 1.97 13.83 2.40
N GLU A 171 2.45 13.61 3.63
CA GLU A 171 2.51 12.27 4.16
C GLU A 171 1.11 11.61 4.05
N PRO A 172 1.09 10.30 3.79
CA PRO A 172 -0.17 9.61 3.51
C PRO A 172 -1.26 9.83 4.59
N THR A 173 -0.86 9.80 5.85
CA THR A 173 -1.80 9.89 6.95
C THR A 173 -2.48 11.26 7.05
N LEU A 174 -1.83 12.30 6.53
CA LEU A 174 -2.40 13.65 6.53
C LEU A 174 -3.44 13.89 5.46
N MET A 175 -3.49 13.05 4.42
CA MET A 175 -4.55 13.12 3.41
C MET A 175 -5.98 13.15 3.97
N TYR A 176 -6.21 12.34 5.00
CA TYR A 176 -7.55 12.12 5.51
C TYR A 176 -8.07 13.37 6.23
N GLU A 177 -7.27 13.87 7.17
CA GLU A 177 -7.55 15.18 7.81
C GLU A 177 -7.78 16.27 6.78
N ALA A 178 -6.86 16.35 5.80
CA ALA A 178 -6.88 17.43 4.84
C ALA A 178 -8.18 17.44 4.07
N ILE A 179 -8.65 16.27 3.62
CA ILE A 179 -9.91 16.26 2.90
C ILE A 179 -11.13 16.44 3.85
N LYS A 180 -11.05 15.99 5.09
CA LYS A 180 -12.11 16.26 6.09
C LYS A 180 -12.24 17.78 6.29
N ASN A 181 -11.10 18.41 6.57
CA ASN A 181 -11.00 19.84 6.86
C ASN A 181 -11.03 20.78 5.63
N LYS A 182 -11.38 20.24 4.47
CA LYS A 182 -11.56 21.01 3.23
C LYS A 182 -10.30 21.67 2.64
N GLN A 183 -9.12 21.42 3.21
CA GLN A 183 -7.86 21.90 2.63
C GLN A 183 -7.53 21.23 1.28
N VAL A 184 -8.07 20.03 1.06
CA VAL A 184 -8.07 19.43 -0.27
C VAL A 184 -9.46 18.87 -0.53
N ASP A 185 -9.75 18.59 -1.78
CA ASP A 185 -11.09 18.14 -2.19
C ASP A 185 -11.13 16.70 -2.75
N VAL A 186 -9.96 16.16 -3.15
CA VAL A 186 -9.80 14.78 -3.61
C VAL A 186 -8.49 14.18 -3.08
N ILE A 187 -8.52 12.88 -2.72
CA ILE A 187 -7.33 12.16 -2.30
C ILE A 187 -7.30 10.77 -2.90
N PRO A 188 -6.10 10.25 -3.11
CA PRO A 188 -5.94 8.85 -3.50
C PRO A 188 -5.93 8.06 -2.20
N ALA A 189 -7.13 7.81 -1.68
CA ALA A 189 -7.30 7.11 -0.42
C ALA A 189 -6.75 5.70 -0.51
N TYR A 190 -6.23 5.20 0.61
CA TYR A 190 -5.81 3.81 0.72
C TYR A 190 -6.99 2.96 1.23
N THR A 191 -7.42 1.97 0.44
CA THR A 191 -8.68 1.27 0.76
C THR A 191 -8.68 0.50 2.08
N THR A 192 -7.51 0.32 2.71
CA THR A 192 -7.44 -0.30 4.04
C THR A 192 -7.46 0.74 5.16
N ASP A 193 -7.80 1.97 4.82
CA ASP A 193 -7.92 3.00 5.82
C ASP A 193 -9.38 3.33 6.02
N SER A 194 -9.89 2.94 7.18
CA SER A 194 -11.29 3.18 7.57
C SER A 194 -11.60 4.65 7.91
N ARG A 195 -10.60 5.54 7.90
CA ARG A 195 -10.90 6.97 7.98
C ARG A 195 -11.67 7.45 6.76
N VAL A 196 -11.76 6.62 5.73
CA VAL A 196 -12.63 6.89 4.59
C VAL A 196 -14.12 6.83 4.98
N ASP A 197 -14.45 5.89 5.87
CA ASP A 197 -15.82 5.75 6.35
C ASP A 197 -16.08 6.74 7.47
N LEU A 198 -15.14 6.88 8.39
CA LEU A 198 -15.29 7.79 9.52
C LEU A 198 -15.55 9.22 9.13
N PHE A 199 -14.76 9.75 8.20
CA PHE A 199 -14.77 11.17 7.90
C PHE A 199 -15.77 11.43 6.78
N ASN A 200 -16.63 10.45 6.53
CA ASN A 200 -17.71 10.56 5.55
C ASN A 200 -17.16 10.97 4.20
N LEU A 201 -16.29 10.11 3.67
CA LEU A 201 -15.80 10.23 2.31
C LEU A 201 -16.46 9.15 1.48
N LYS A 202 -16.61 9.43 0.20
CA LYS A 202 -17.09 8.47 -0.77
C LYS A 202 -15.94 8.14 -1.70
N ILE A 203 -15.47 6.90 -1.61
CA ILE A 203 -14.58 6.38 -2.62
C ILE A 203 -15.38 6.30 -3.88
N LEU A 204 -14.85 6.85 -4.96
CA LEU A 204 -15.48 6.81 -6.26
C LEU A 204 -15.11 5.55 -7.01
N GLU A 205 -16.03 5.12 -7.86
CA GLU A 205 -15.83 3.99 -8.73
C GLU A 205 -14.77 4.29 -9.80
N ASP A 206 -13.83 3.35 -9.97
CA ASP A 206 -12.82 3.45 -11.02
C ASP A 206 -13.42 2.86 -12.29
N ASP A 207 -14.33 3.61 -12.91
CA ASP A 207 -15.24 3.05 -13.91
C ASP A 207 -14.62 2.67 -15.24
N LYS A 208 -13.47 3.26 -15.59
CA LYS A 208 -12.74 2.85 -16.79
C LYS A 208 -11.56 1.94 -16.47
N GLY A 209 -11.43 1.55 -15.20
CA GLY A 209 -10.41 0.59 -14.79
C GLY A 209 -8.98 1.11 -14.93
N ALA A 210 -8.76 2.36 -14.54
CA ALA A 210 -7.42 2.98 -14.57
C ALA A 210 -6.39 2.30 -13.65
N LEU A 211 -6.80 2.03 -12.42
CA LEU A 211 -5.91 1.60 -11.36
C LEU A 211 -5.89 0.09 -11.24
N PRO A 212 -4.68 -0.47 -11.01
CA PRO A 212 -4.52 -1.92 -10.87
C PRO A 212 -4.90 -2.39 -9.49
N PRO A 213 -4.99 -3.69 -9.27
CA PRO A 213 -5.14 -4.19 -7.90
C PRO A 213 -3.78 -4.07 -7.17
N TYR A 214 -3.81 -3.77 -5.86
CA TYR A 214 -2.59 -3.59 -5.07
C TYR A 214 -2.56 -4.67 -3.97
N ASP A 215 -2.29 -5.92 -4.34
CA ASP A 215 -2.25 -7.01 -3.36
C ASP A 215 -0.93 -7.00 -2.57
N ALA A 216 -1.03 -7.04 -1.25
CA ALA A 216 0.13 -6.88 -0.38
C ALA A 216 0.98 -8.14 -0.38
N ILE A 217 2.28 -7.99 -0.65
CA ILE A 217 3.21 -9.12 -0.70
C ILE A 217 4.48 -8.82 0.07
N ILE A 218 5.06 -9.83 0.70
CA ILE A 218 6.38 -9.68 1.30
C ILE A 218 7.38 -10.01 0.20
N ILE A 219 8.27 -9.06 -0.11
CA ILE A 219 9.33 -9.33 -1.06
C ILE A 219 10.68 -9.29 -0.36
N VAL A 220 11.57 -10.16 -0.85
CA VAL A 220 12.79 -10.52 -0.15
C VAL A 220 13.91 -10.54 -1.19
N ASN A 221 15.08 -10.07 -0.87
CA ASN A 221 16.12 -10.14 -1.89
C ASN A 221 16.65 -11.57 -2.04
N GLY A 222 17.24 -11.84 -3.18
CA GLY A 222 17.64 -13.18 -3.61
C GLY A 222 18.45 -13.98 -2.62
N ASN A 223 19.35 -13.29 -1.92
CA ASN A 223 20.32 -13.95 -1.05
C ASN A 223 19.67 -14.30 0.29
N THR A 224 18.86 -13.39 0.81
CA THR A 224 18.06 -13.66 2.01
C THR A 224 17.07 -14.80 1.79
N ALA A 225 16.59 -14.93 0.55
CA ALA A 225 15.59 -15.94 0.17
C ALA A 225 16.11 -17.38 0.08
N LYS A 226 17.43 -17.55 0.05
CA LYS A 226 18.05 -18.87 0.08
C LYS A 226 18.00 -19.48 1.49
N ASP A 227 17.76 -18.65 2.50
CA ASP A 227 17.50 -19.12 3.85
C ASP A 227 16.07 -19.65 3.90
N GLU A 228 15.95 -20.97 3.88
CA GLU A 228 14.66 -21.64 3.74
C GLU A 228 13.87 -21.57 5.03
N LYS A 229 14.57 -21.47 6.17
CA LYS A 229 13.90 -21.32 7.44
C LYS A 229 13.20 -19.97 7.48
N LEU A 230 13.97 -18.93 7.17
CA LEU A 230 13.51 -17.54 7.20
C LEU A 230 12.29 -17.42 6.30
N ILE A 231 12.31 -18.03 5.12
CA ILE A 231 11.16 -18.00 4.21
C ILE A 231 9.94 -18.70 4.81
N SER A 232 10.16 -19.82 5.51
CA SER A 232 9.04 -20.56 6.11
C SER A 232 8.41 -19.80 7.30
N VAL A 233 9.20 -18.98 7.99
CA VAL A 233 8.68 -18.11 9.01
C VAL A 233 7.78 -17.04 8.37
N LEU A 234 8.25 -16.43 7.30
CA LEU A 234 7.44 -15.48 6.52
C LEU A 234 6.10 -16.07 6.04
N LYS A 235 6.11 -17.33 5.61
CA LYS A 235 4.89 -17.98 5.10
C LYS A 235 3.85 -18.26 6.18
N LEU A 236 4.25 -18.23 7.45
CA LEU A 236 3.29 -18.21 8.55
C LEU A 236 2.28 -17.08 8.41
N LEU A 237 2.62 -16.00 7.70
CA LEU A 237 1.68 -14.91 7.44
C LEU A 237 0.93 -15.00 6.12
N GLU A 238 1.26 -15.99 5.30
CA GLU A 238 0.60 -16.15 4.01
C GLU A 238 -0.91 -16.27 4.20
N ASP A 239 -1.64 -15.41 3.50
CA ASP A 239 -3.10 -15.35 3.56
C ASP A 239 -3.65 -15.25 4.98
N ARG A 240 -2.92 -14.59 5.88
CA ARG A 240 -3.36 -14.48 7.27
C ARG A 240 -4.06 -13.18 7.60
N ILE A 241 -3.88 -12.14 6.81
CA ILE A 241 -4.55 -10.86 7.08
C ILE A 241 -5.41 -10.52 5.88
N ASP A 242 -6.72 -10.72 5.99
CA ASP A 242 -7.64 -10.23 4.94
C ASP A 242 -7.83 -8.72 5.06
N THR A 243 -8.49 -8.14 4.05
CA THR A 243 -8.63 -6.72 3.95
C THR A 243 -9.27 -6.12 5.18
N ASP A 244 -10.27 -6.82 5.69
CA ASP A 244 -11.02 -6.32 6.84
C ASP A 244 -10.18 -6.24 8.08
N THR A 245 -9.40 -7.28 8.31
CA THR A 245 -8.45 -7.35 9.39
C THR A 245 -7.38 -6.26 9.30
N MET A 246 -6.89 -5.97 8.08
CA MET A 246 -5.88 -4.91 7.94
C MET A 246 -6.48 -3.58 8.33
N ARG A 247 -7.69 -3.32 7.83
CA ARG A 247 -8.47 -2.09 8.17
C ARG A 247 -8.61 -1.93 9.66
N ALA A 248 -9.00 -3.00 10.36
CA ALA A 248 -9.22 -2.93 11.81
C ALA A 248 -7.92 -2.67 12.54
N LEU A 249 -6.84 -3.31 12.10
CA LEU A 249 -5.53 -3.10 12.71
C LEU A 249 -5.05 -1.66 12.45
N ASN A 250 -5.24 -1.19 11.22
CA ASN A 250 -4.92 0.19 10.90
C ASN A 250 -5.69 1.19 11.74
N TYR A 251 -6.99 0.92 11.90
CA TYR A 251 -7.85 1.73 12.76
C TYR A 251 -7.22 1.90 14.13
N GLN A 252 -6.73 0.81 14.68
CA GLN A 252 -6.10 0.86 16.00
C GLN A 252 -4.94 1.82 16.03
N TYR A 253 -4.18 1.91 14.93
CA TYR A 253 -2.99 2.73 14.86
C TYR A 253 -3.25 4.22 14.70
N ASP A 254 -4.08 4.57 13.70
CA ASP A 254 -4.31 5.95 13.29
C ASP A 254 -5.35 6.65 14.21
N VAL A 255 -6.51 6.01 14.39
CA VAL A 255 -7.58 6.50 15.23
C VAL A 255 -7.26 6.31 16.74
N GLU A 256 -7.20 5.07 17.20
CA GLU A 256 -6.96 4.79 18.63
C GLU A 256 -5.52 5.07 19.07
N LYS A 257 -4.67 5.44 18.12
CA LYS A 257 -3.27 5.84 18.38
C LYS A 257 -2.47 4.82 19.18
N LYS A 258 -2.78 3.54 18.96
CA LYS A 258 -1.96 2.47 19.51
C LYS A 258 -0.67 2.37 18.72
N ASP A 259 0.39 2.04 19.42
CA ASP A 259 1.70 1.81 18.85
C ASP A 259 1.66 0.64 17.84
N ALA A 260 2.45 0.76 16.76
CA ALA A 260 2.49 -0.23 15.68
C ALA A 260 2.94 -1.59 16.15
N ARG A 261 4.03 -1.62 16.89
CA ARG A 261 4.52 -2.86 17.51
C ARG A 261 3.50 -3.56 18.43
N GLU A 262 2.77 -2.79 19.24
CA GLU A 262 1.79 -3.33 20.19
C GLU A 262 0.68 -4.01 19.42
N ILE A 263 0.32 -3.39 18.30
CA ILE A 263 -0.77 -3.86 17.50
C ILE A 263 -0.39 -5.18 16.88
N ALA A 264 0.85 -5.25 16.41
CA ALA A 264 1.37 -6.40 15.73
C ALA A 264 1.52 -7.57 16.70
N MET A 265 2.09 -7.30 17.87
CA MET A 265 2.33 -8.30 18.91
C MET A 265 1.02 -8.93 19.38
N SER A 266 0.00 -8.09 19.52
CA SER A 266 -1.31 -8.47 20.01
C SER A 266 -2.08 -9.26 18.92
N PHE A 267 -1.83 -8.91 17.66
CA PHE A 267 -2.36 -9.70 16.58
C PHE A 267 -1.72 -11.06 16.59
N LEU A 268 -0.41 -11.08 16.76
CA LEU A 268 0.34 -12.31 16.71
C LEU A 268 -0.02 -13.26 17.89
N LYS A 269 -0.21 -12.71 19.10
CA LYS A 269 -0.66 -13.49 20.27
C LYS A 269 -2.04 -14.09 20.00
N GLU A 270 -2.94 -13.25 19.50
CA GLU A 270 -4.30 -13.64 19.17
C GLU A 270 -4.38 -14.77 18.11
N GLN A 271 -3.38 -14.86 17.23
CA GLN A 271 -3.37 -15.82 16.12
C GLN A 271 -2.67 -17.11 16.49
N GLY A 272 -2.05 -17.14 17.66
CA GLY A 272 -1.38 -18.32 18.17
C GLY A 272 0.04 -18.42 17.64
N LEU A 273 0.51 -17.34 17.02
CA LEU A 273 1.81 -17.31 16.38
C LEU A 273 2.97 -16.94 17.30
N VAL A 274 2.66 -16.35 18.46
CA VAL A 274 3.70 -15.98 19.43
C VAL A 274 3.26 -16.27 20.87
N LYS A 275 4.23 -16.20 21.79
CA LYS A 275 4.06 -16.51 23.22
C LYS A 275 3.56 -17.94 23.44
N BET B . -0.83 1.80 -1.87
CA BET B . 0.36 2.70 -1.86
C BET B . 1.66 1.95 -2.09
O BET B . 2.26 1.54 -1.13
OXT BET B . 2.18 1.70 -3.29
C1 BET B . -0.98 1.20 -3.20
C2 BET B . -0.71 0.78 -0.83
C3 BET B . -2.04 2.61 -1.60
#